data_6D1Y
#
_entry.id   6D1Y
#
_cell.length_a   52.240
_cell.length_b   48.551
_cell.length_c   67.335
_cell.angle_alpha   90.000
_cell.angle_beta   99.020
_cell.angle_gamma   90.000
#
_symmetry.space_group_name_H-M   'P 1 21 1'
#
loop_
_entity.id
_entity.type
_entity.pdbx_description
1 polymer 'High affinity nerve growth factor receptor'
2 non-polymer 2,4-dichloro-N-(3-methyl-1-phenyl-1H-pyrazol-5-yl)benzamide
3 water water
#
_entity_poly.entity_id   1
_entity_poly.type   'polypeptide(L)'
_entity_poly.pdbx_seq_one_letter_code
;GSTEGKGSGLQGHIIENPQYFSDACVHHIKRRDIVLKWELGEGAFGKVFLAECHNLLPEQDKMLVAVKALKEASESARQD
FQREAELLTMLQHQHIVRFFGVCTEGRPLLMVFEYMRHGDLNRFLRSHGPDAKLLAGGEDVAPGPLGLGQLLAVASQVAA
GMVYLAGLHFVHRDLATRNCLVGQGLVVKIGDFGMSRDIYSTDYYRVGGRTMLPIRWMPPESILYRKFTTESDVWSFGVV
LWEIFTYGKQPWYQLSNTEAIDCITQGRELERPRACPPEVYAIMRGCWQREPQQRHSIKDVHARLQALAQAPPVYLDVLG
;
_entity_poly.pdbx_strand_id   A
#
loop_
_chem_comp.id
_chem_comp.type
_chem_comp.name
_chem_comp.formula
FQJ non-polymer 2,4-dichloro-N-(3-methyl-1-phenyl-1H-pyrazol-5-yl)benzamide 'C17 H13 Cl2 N3 O'
#
# COMPACT_ATOMS: atom_id res chain seq x y z
N GLY A 5 -2.97 -0.44 -16.27
CA GLY A 5 -2.19 -0.36 -15.04
C GLY A 5 -0.70 -0.42 -15.28
N LYS A 6 -0.17 0.59 -16.03
CA LYS A 6 1.25 0.72 -16.40
C LYS A 6 2.14 0.73 -15.13
N GLY A 7 3.05 -0.24 -15.07
CA GLY A 7 3.95 -0.44 -13.94
C GLY A 7 3.32 -0.90 -12.64
N SER A 8 2.03 -1.31 -12.64
CA SER A 8 1.41 -1.80 -11.39
C SER A 8 2.02 -3.13 -10.97
N GLY A 9 1.98 -3.42 -9.66
CA GLY A 9 2.37 -4.75 -9.18
C GLY A 9 1.46 -5.84 -9.74
N LEU A 10 0.16 -5.55 -9.94
CA LEU A 10 -0.80 -6.54 -10.49
C LEU A 10 -0.37 -7.03 -11.89
N GLN A 11 -0.08 -6.11 -12.82
CA GLN A 11 0.33 -6.47 -14.19
C GLN A 11 1.72 -7.09 -14.23
N GLY A 12 2.64 -6.56 -13.42
CA GLY A 12 4.00 -7.09 -13.33
C GLY A 12 4.00 -8.56 -12.94
N HIS A 13 3.08 -8.97 -12.02
CA HIS A 13 2.96 -10.37 -11.55
C HIS A 13 2.41 -11.27 -12.66
N ILE A 14 1.42 -10.81 -13.39
CA ILE A 14 0.82 -11.59 -14.48
C ILE A 14 1.88 -11.82 -15.60
N ILE A 15 2.59 -10.75 -15.98
CA ILE A 15 3.65 -10.78 -17.01
C ILE A 15 4.77 -11.74 -16.63
N GLU A 16 5.26 -11.64 -15.38
CA GLU A 16 6.43 -12.38 -14.91
C GLU A 16 6.25 -13.80 -14.36
N ASN A 17 5.08 -14.15 -13.79
CA ASN A 17 4.89 -15.47 -13.18
C ASN A 17 4.63 -16.56 -14.25
N PRO A 18 5.57 -17.49 -14.54
CA PRO A 18 5.31 -18.48 -15.60
C PRO A 18 4.36 -19.64 -15.24
N GLN A 19 3.92 -19.71 -13.99
CA GLN A 19 2.98 -20.74 -13.52
C GLN A 19 1.59 -20.17 -13.35
N TYR A 20 1.48 -18.82 -13.43
CA TYR A 20 0.17 -18.18 -13.27
C TYR A 20 -0.82 -18.47 -14.41
N PHE A 21 -2.08 -18.72 -14.04
CA PHE A 21 -3.21 -18.84 -14.95
C PHE A 21 -4.49 -18.44 -14.25
N SER A 22 -5.45 -17.93 -15.02
CA SER A 22 -6.74 -17.54 -14.51
C SER A 22 -7.73 -17.52 -15.64
N ASP A 23 -8.92 -18.12 -15.42
CA ASP A 23 -9.99 -18.01 -16.41
C ASP A 23 -10.64 -16.63 -16.19
N ALA A 24 -11.64 -16.27 -17.01
CA ALA A 24 -12.28 -14.94 -16.90
C ALA A 24 -13.39 -14.80 -15.86
N CYS A 25 -13.63 -15.83 -15.01
CA CYS A 25 -14.72 -15.92 -14.01
C CYS A 25 -14.62 -15.12 -12.70
N VAL A 26 -14.71 -13.80 -12.83
CA VAL A 26 -14.69 -12.80 -11.75
CA VAL A 26 -14.69 -12.82 -11.75
C VAL A 26 -16.16 -12.63 -11.30
N HIS A 27 -16.42 -12.14 -10.06
CA HIS A 27 -17.81 -11.93 -9.63
C HIS A 27 -18.40 -10.69 -10.35
N HIS A 28 -19.59 -10.87 -10.98
CA HIS A 28 -20.28 -9.79 -11.67
C HIS A 28 -21.41 -9.23 -10.83
N ILE A 29 -21.47 -7.89 -10.77
CA ILE A 29 -22.45 -7.10 -10.02
C ILE A 29 -23.29 -6.32 -11.04
N LYS A 30 -24.62 -6.40 -10.90
CA LYS A 30 -25.54 -5.68 -11.79
C LYS A 30 -25.42 -4.18 -11.54
N ARG A 31 -25.42 -3.36 -12.60
CA ARG A 31 -25.29 -1.89 -12.44
C ARG A 31 -26.38 -1.29 -11.52
N ARG A 32 -27.62 -1.76 -11.67
CA ARG A 32 -28.78 -1.31 -10.85
C ARG A 32 -28.60 -1.53 -9.34
N ASP A 33 -27.71 -2.47 -8.94
CA ASP A 33 -27.44 -2.76 -7.53
C ASP A 33 -26.39 -1.84 -6.91
N ILE A 34 -25.75 -0.98 -7.72
CA ILE A 34 -24.75 -0.03 -7.25
C ILE A 34 -25.39 1.38 -7.29
N VAL A 35 -25.42 2.07 -6.16
CA VAL A 35 -26.00 3.41 -6.07
C VAL A 35 -24.89 4.28 -5.54
N LEU A 36 -24.35 5.19 -6.38
CA LEU A 36 -23.27 6.10 -5.98
C LEU A 36 -23.75 7.16 -4.98
N LYS A 37 -22.91 7.51 -4.01
CA LYS A 37 -23.21 8.51 -2.96
C LYS A 37 -22.40 9.78 -3.23
N TRP A 38 -21.05 9.65 -3.23
CA TRP A 38 -20.19 10.79 -3.47
C TRP A 38 -18.81 10.38 -3.91
N GLU A 39 -18.10 11.30 -4.52
CA GLU A 39 -16.75 11.10 -5.00
C GLU A 39 -15.74 11.04 -3.84
N LEU A 40 -14.78 10.11 -3.91
CA LEU A 40 -13.71 9.95 -2.91
C LEU A 40 -12.38 10.43 -3.46
N GLY A 41 -12.22 10.33 -4.77
CA GLY A 41 -10.96 10.68 -5.41
C GLY A 41 -11.04 10.63 -6.91
N GLU A 42 -10.07 11.25 -7.56
CA GLU A 42 -10.02 11.36 -9.04
C GLU A 42 -8.58 11.23 -9.50
N GLY A 43 -8.40 10.60 -10.65
CA GLY A 43 -7.11 10.44 -11.30
C GLY A 43 -7.27 10.62 -12.80
N ALA A 44 -6.15 10.49 -13.54
CA ALA A 44 -6.12 10.67 -15.00
C ALA A 44 -7.02 9.70 -15.76
N PHE A 45 -7.11 8.47 -15.28
CA PHE A 45 -7.85 7.40 -15.95
C PHE A 45 -9.06 6.88 -15.20
N GLY A 46 -9.39 7.51 -14.07
CA GLY A 46 -10.54 7.08 -13.29
C GLY A 46 -11.00 7.97 -12.16
N LYS A 47 -12.12 7.59 -11.58
CA LYS A 47 -12.72 8.25 -10.43
C LYS A 47 -13.12 7.17 -9.40
N VAL A 48 -13.05 7.50 -8.12
CA VAL A 48 -13.43 6.56 -7.05
C VAL A 48 -14.60 7.17 -6.32
N PHE A 49 -15.65 6.37 -6.07
CA PHE A 49 -16.85 6.81 -5.35
C PHE A 49 -17.13 5.92 -4.17
N LEU A 50 -17.85 6.48 -3.21
CA LEU A 50 -18.46 5.75 -2.13
C LEU A 50 -19.85 5.39 -2.72
N ALA A 51 -20.27 4.15 -2.50
CA ALA A 51 -21.54 3.65 -3.01
C ALA A 51 -22.22 2.67 -2.07
N GLU A 52 -23.52 2.43 -2.30
CA GLU A 52 -24.30 1.42 -1.62
C GLU A 52 -24.46 0.31 -2.63
N CYS A 53 -24.26 -0.93 -2.19
CA CYS A 53 -24.41 -2.10 -3.04
C CYS A 53 -25.46 -3.02 -2.44
N HIS A 54 -26.49 -3.33 -3.24
CA HIS A 54 -27.59 -4.23 -2.86
C HIS A 54 -27.27 -5.62 -3.34
N ASN A 55 -27.79 -6.65 -2.61
CA ASN A 55 -27.66 -8.07 -2.95
C ASN A 55 -26.21 -8.55 -3.14
N LEU A 56 -25.27 -8.05 -2.32
CA LEU A 56 -23.84 -8.41 -2.42
C LEU A 56 -23.42 -9.50 -1.43
N LEU A 57 -23.77 -9.33 -0.15
CA LEU A 57 -23.43 -10.29 0.90
C LEU A 57 -24.70 -10.87 1.52
N ASP A 61 -26.45 -6.81 2.38
CA ASP A 61 -27.89 -6.63 2.22
C ASP A 61 -28.05 -5.34 1.38
N LYS A 62 -27.61 -4.21 1.97
CA LYS A 62 -27.38 -2.86 1.48
C LYS A 62 -26.14 -2.58 2.31
N MET A 63 -25.02 -2.36 1.63
CA MET A 63 -23.74 -2.16 2.29
C MET A 63 -22.92 -1.14 1.55
N LEU A 64 -21.99 -0.50 2.26
CA LEU A 64 -21.11 0.49 1.69
C LEU A 64 -19.92 -0.15 0.98
N VAL A 65 -19.58 0.38 -0.19
CA VAL A 65 -18.45 -0.08 -1.00
C VAL A 65 -17.69 1.10 -1.59
N ALA A 66 -16.43 0.86 -2.02
CA ALA A 66 -15.63 1.83 -2.76
C ALA A 66 -15.69 1.35 -4.23
N VAL A 67 -16.10 2.22 -5.13
CA VAL A 67 -16.25 1.89 -6.55
C VAL A 67 -15.26 2.69 -7.40
N LYS A 68 -14.44 1.96 -8.21
CA LYS A 68 -13.52 2.59 -9.14
C LYS A 68 -14.19 2.54 -10.51
N ALA A 69 -14.39 3.72 -11.14
CA ALA A 69 -14.98 3.82 -12.48
C ALA A 69 -13.86 4.18 -13.44
N LEU A 70 -13.74 3.44 -14.54
CA LEU A 70 -12.71 3.70 -15.54
C LEU A 70 -13.20 4.70 -16.55
N LYS A 71 -12.37 5.72 -16.85
CA LYS A 71 -12.63 6.76 -17.86
C LYS A 71 -12.55 5.98 -19.17
N GLU A 72 -13.61 6.04 -20.04
CA GLU A 72 -13.66 5.21 -21.27
C GLU A 72 -12.32 4.90 -21.90
N ALA A 73 -12.10 3.61 -21.97
CA ALA A 73 -10.89 2.93 -22.30
C ALA A 73 -10.77 2.33 -23.70
N SER A 74 -9.52 2.22 -24.14
CA SER A 74 -9.14 1.57 -25.36
C SER A 74 -9.33 0.06 -25.12
N GLU A 75 -9.26 -0.74 -26.20
CA GLU A 75 -9.35 -2.18 -26.11
C GLU A 75 -8.29 -2.73 -25.15
N SER A 76 -7.03 -2.25 -25.24
CA SER A 76 -5.95 -2.72 -24.37
C SER A 76 -6.20 -2.33 -22.90
N ALA A 77 -6.78 -1.12 -22.65
CA ALA A 77 -7.12 -0.72 -21.28
C ALA A 77 -8.24 -1.61 -20.71
N ARG A 78 -9.24 -2.01 -21.52
CA ARG A 78 -10.34 -2.94 -21.14
C ARG A 78 -9.77 -4.35 -20.87
N GLN A 79 -8.79 -4.79 -21.66
CA GLN A 79 -8.11 -6.09 -21.48
C GLN A 79 -7.28 -6.06 -20.17
N ASP A 80 -6.65 -4.93 -19.87
CA ASP A 80 -5.88 -4.75 -18.62
C ASP A 80 -6.80 -4.76 -17.40
N PHE A 81 -7.94 -4.07 -17.50
CA PHE A 81 -8.97 -4.04 -16.48
C PHE A 81 -9.35 -5.47 -16.10
N GLN A 82 -9.58 -6.34 -17.09
CA GLN A 82 -9.95 -7.74 -16.90
C GLN A 82 -8.86 -8.54 -16.21
N ARG A 83 -7.60 -8.42 -16.70
CA ARG A 83 -6.42 -9.09 -16.12
C ARG A 83 -6.29 -8.71 -14.64
N GLU A 84 -6.45 -7.43 -14.33
CA GLU A 84 -6.30 -6.93 -12.95
C GLU A 84 -7.38 -7.45 -12.07
N ALA A 85 -8.64 -7.49 -12.59
CA ALA A 85 -9.82 -7.96 -11.86
C ALA A 85 -9.65 -9.44 -11.45
N GLU A 86 -9.11 -10.28 -12.36
CA GLU A 86 -8.90 -11.71 -12.08
C GLU A 86 -7.90 -11.89 -10.94
N LEU A 87 -6.81 -11.13 -10.99
CA LEU A 87 -5.81 -11.25 -9.92
C LEU A 87 -6.31 -10.70 -8.59
N LEU A 88 -7.05 -9.61 -8.63
CA LEU A 88 -7.56 -9.00 -7.39
C LEU A 88 -8.53 -9.93 -6.70
N THR A 89 -9.27 -10.77 -7.50
CA THR A 89 -10.18 -11.79 -6.96
C THR A 89 -9.39 -12.81 -6.12
N MET A 90 -8.18 -13.14 -6.55
CA MET A 90 -7.28 -14.11 -5.93
C MET A 90 -6.62 -13.59 -4.65
N LEU A 91 -6.36 -12.28 -4.55
CA LEU A 91 -5.70 -11.73 -3.36
C LEU A 91 -6.70 -11.59 -2.21
N GLN A 92 -6.70 -12.59 -1.31
CA GLN A 92 -7.66 -12.70 -0.20
C GLN A 92 -6.87 -12.90 1.08
N HIS A 93 -6.87 -11.86 1.92
CA HIS A 93 -6.13 -11.89 3.17
C HIS A 93 -6.76 -10.89 4.12
N GLN A 94 -6.57 -11.09 5.43
CA GLN A 94 -7.14 -10.21 6.48
C GLN A 94 -6.58 -8.77 6.37
N HIS A 95 -5.41 -8.59 5.73
CA HIS A 95 -4.74 -7.31 5.62
C HIS A 95 -4.48 -6.87 4.18
N ILE A 96 -5.33 -7.38 3.29
CA ILE A 96 -5.43 -6.97 1.89
C ILE A 96 -6.86 -6.50 1.72
N VAL A 97 -7.06 -5.31 1.11
CA VAL A 97 -8.39 -4.74 0.87
C VAL A 97 -9.20 -5.78 0.06
N ARG A 98 -10.45 -6.06 0.52
CA ARG A 98 -11.31 -7.02 -0.18
C ARG A 98 -11.83 -6.48 -1.50
N PHE A 99 -11.76 -7.31 -2.53
CA PHE A 99 -12.27 -6.99 -3.87
C PHE A 99 -13.56 -7.80 -4.02
N PHE A 100 -14.67 -7.14 -4.38
CA PHE A 100 -15.98 -7.79 -4.52
C PHE A 100 -16.37 -8.21 -5.92
N GLY A 101 -15.81 -7.53 -6.91
CA GLY A 101 -16.11 -7.88 -8.28
C GLY A 101 -16.20 -6.69 -9.20
N VAL A 102 -16.83 -6.90 -10.39
CA VAL A 102 -16.86 -5.87 -11.44
C VAL A 102 -18.27 -5.67 -11.98
N CYS A 103 -18.44 -4.58 -12.72
CA CYS A 103 -19.64 -4.32 -13.49
C CYS A 103 -19.15 -3.96 -14.89
N THR A 104 -19.37 -4.88 -15.84
CA THR A 104 -18.92 -4.75 -17.22
C THR A 104 -20.10 -4.60 -18.22
N GLU A 105 -21.33 -4.65 -17.71
CA GLU A 105 -22.53 -4.42 -18.54
C GLU A 105 -22.76 -2.90 -18.62
N GLY A 106 -22.62 -2.33 -19.84
CA GLY A 106 -22.74 -0.89 -20.02
C GLY A 106 -21.47 -0.19 -19.56
N ARG A 107 -21.49 1.16 -19.49
CA ARG A 107 -20.30 1.91 -19.11
C ARG A 107 -20.65 2.97 -18.09
N PRO A 108 -19.71 3.45 -17.26
CA PRO A 108 -18.27 3.08 -17.17
C PRO A 108 -18.01 1.70 -16.56
N LEU A 109 -16.88 1.08 -16.93
CA LEU A 109 -16.51 -0.19 -16.34
C LEU A 109 -16.21 0.04 -14.85
N LEU A 110 -16.78 -0.79 -13.95
CA LEU A 110 -16.54 -0.58 -12.50
C LEU A 110 -15.80 -1.72 -11.83
N MET A 111 -14.97 -1.40 -10.82
CA MET A 111 -14.34 -2.38 -9.93
C MET A 111 -14.89 -2.03 -8.56
N VAL A 112 -15.30 -3.04 -7.81
CA VAL A 112 -15.95 -2.81 -6.50
C VAL A 112 -15.08 -3.41 -5.41
N PHE A 113 -14.78 -2.58 -4.41
CA PHE A 113 -13.92 -2.91 -3.28
C PHE A 113 -14.67 -2.67 -1.96
N GLU A 114 -14.17 -3.26 -0.86
CA GLU A 114 -14.77 -2.90 0.44
C GLU A 114 -14.43 -1.43 0.74
N TYR A 115 -15.32 -0.78 1.50
CA TYR A 115 -15.11 0.59 1.87
C TYR A 115 -14.27 0.65 3.13
N MET A 116 -13.17 1.45 3.11
CA MET A 116 -12.25 1.64 4.24
C MET A 116 -12.47 3.06 4.73
N ARG A 117 -13.29 3.17 5.77
CA ARG A 117 -13.83 4.43 6.24
C ARG A 117 -12.87 5.54 6.68
N HIS A 118 -11.65 5.19 7.08
CA HIS A 118 -10.68 6.23 7.49
C HIS A 118 -9.71 6.65 6.39
N GLY A 119 -9.93 6.18 5.16
CA GLY A 119 -9.14 6.53 4.00
C GLY A 119 -7.72 6.01 4.04
N ASP A 120 -6.84 6.60 3.22
CA ASP A 120 -5.47 6.11 3.12
C ASP A 120 -4.67 6.35 4.39
N LEU A 121 -3.73 5.43 4.67
CA LEU A 121 -2.91 5.48 5.87
C LEU A 121 -2.07 6.74 5.97
N ASN A 122 -1.59 7.32 4.83
CA ASN A 122 -0.79 8.54 4.99
C ASN A 122 -1.68 9.69 5.54
N ARG A 123 -2.91 9.85 4.99
CA ARG A 123 -3.85 10.90 5.44
C ARG A 123 -4.23 10.63 6.90
N PHE A 124 -4.42 9.34 7.25
CA PHE A 124 -4.80 8.94 8.60
C PHE A 124 -3.72 9.27 9.65
N LEU A 125 -2.45 8.93 9.36
CA LEU A 125 -1.33 9.22 10.26
C LEU A 125 -1.18 10.76 10.46
N ARG A 126 -1.17 11.53 9.35
CA ARG A 126 -1.05 13.02 9.39
C ARG A 126 -2.16 13.69 10.19
N SER A 127 -3.41 13.14 10.11
CA SER A 127 -4.57 13.67 10.86
C SER A 127 -4.67 13.18 12.32
N HIS A 128 -3.77 12.25 12.74
CA HIS A 128 -3.73 11.70 14.10
C HIS A 128 -2.31 11.77 14.71
N GLY A 129 -1.58 12.84 14.45
CA GLY A 129 -0.22 13.03 14.97
C GLY A 129 0.10 14.48 15.37
N PRO A 130 1.38 14.83 15.65
CA PRO A 130 1.74 16.22 15.99
C PRO A 130 1.28 17.25 14.94
N ASP A 131 0.91 18.47 15.39
CA ASP A 131 0.44 19.54 14.49
C ASP A 131 -0.55 18.93 13.49
N ALA A 132 -1.57 18.25 14.03
CA ALA A 132 -2.56 17.45 13.31
C ALA A 132 -3.13 18.11 12.05
N LYS A 133 -2.95 17.43 10.90
CA LYS A 133 -3.50 17.91 9.63
C LYS A 133 -5.03 17.78 9.73
N LEU A 134 -5.80 18.85 9.40
CA LEU A 134 -7.27 18.81 9.48
C LEU A 134 -7.89 18.18 8.23
N GLY A 144 -7.84 12.27 17.96
CA GLY A 144 -6.71 12.36 18.89
C GLY A 144 -5.45 11.69 18.34
N PRO A 145 -4.26 11.89 18.94
CA PRO A 145 -3.05 11.29 18.35
C PRO A 145 -2.86 9.81 18.66
N LEU A 146 -2.23 9.09 17.74
CA LEU A 146 -1.95 7.66 17.88
C LEU A 146 -0.80 7.44 18.87
N GLY A 147 -0.99 6.47 19.77
CA GLY A 147 0.01 6.11 20.76
C GLY A 147 0.96 5.11 20.13
N LEU A 148 2.06 4.84 20.84
CA LEU A 148 3.07 3.86 20.38
C LEU A 148 2.46 2.47 20.09
N GLY A 149 1.60 1.97 20.98
CA GLY A 149 0.91 0.69 20.80
C GLY A 149 0.10 0.66 19.50
N GLN A 150 -0.56 1.80 19.17
CA GLN A 150 -1.34 1.89 17.93
C GLN A 150 -0.43 1.95 16.70
N LEU A 151 0.68 2.70 16.77
CA LEU A 151 1.63 2.78 15.67
C LEU A 151 2.21 1.38 15.37
N LEU A 152 2.52 0.65 16.42
CA LEU A 152 3.06 -0.72 16.26
C LEU A 152 2.00 -1.66 15.70
N ALA A 153 0.74 -1.47 16.10
CA ALA A 153 -0.35 -2.32 15.56
C ALA A 153 -0.55 -2.06 14.06
N VAL A 154 -0.47 -0.78 13.62
CA VAL A 154 -0.54 -0.37 12.20
C VAL A 154 0.61 -1.05 11.41
N ALA A 155 1.84 -0.90 11.93
CA ALA A 155 3.04 -1.52 11.31
C ALA A 155 2.91 -3.05 11.16
N SER A 156 2.48 -3.75 12.25
CA SER A 156 2.31 -5.21 12.27
C SER A 156 1.29 -5.68 11.21
N GLN A 157 0.18 -4.92 11.01
CA GLN A 157 -0.85 -5.24 9.99
C GLN A 157 -0.33 -5.08 8.54
N VAL A 158 0.42 -4.01 8.26
CA VAL A 158 1.02 -3.83 6.92
C VAL A 158 2.03 -4.95 6.70
N ALA A 159 2.83 -5.25 7.75
CA ALA A 159 3.78 -6.38 7.68
C ALA A 159 3.06 -7.72 7.36
N ALA A 160 1.90 -8.01 7.99
CA ALA A 160 1.12 -9.24 7.74
C ALA A 160 0.68 -9.33 6.27
N GLY A 161 0.21 -8.21 5.69
CA GLY A 161 -0.17 -8.16 4.27
C GLY A 161 1.01 -8.48 3.36
N MET A 162 2.20 -7.96 3.75
CA MET A 162 3.44 -8.23 3.00
C MET A 162 3.94 -9.65 3.10
N VAL A 163 3.69 -10.33 4.26
CA VAL A 163 4.05 -11.75 4.44
C VAL A 163 3.24 -12.56 3.42
N TYR A 164 1.93 -12.28 3.35
CA TYR A 164 1.02 -12.94 2.40
C TYR A 164 1.51 -12.73 0.94
N LEU A 165 1.83 -11.47 0.57
CA LEU A 165 2.27 -11.20 -0.81
C LEU A 165 3.58 -11.87 -1.16
N ALA A 166 4.57 -11.85 -0.23
CA ALA A 166 5.84 -12.55 -0.44
C ALA A 166 5.61 -14.07 -0.62
N GLY A 167 4.69 -14.65 0.16
CA GLY A 167 4.36 -16.07 0.08
C GLY A 167 3.82 -16.47 -1.29
N LEU A 168 3.22 -15.50 -2.02
CA LEU A 168 2.71 -15.72 -3.37
C LEU A 168 3.76 -15.38 -4.44
N HIS A 169 4.97 -14.90 -4.03
CA HIS A 169 6.04 -14.34 -4.89
C HIS A 169 5.44 -13.16 -5.66
N PHE A 170 4.61 -12.34 -4.96
CA PHE A 170 3.98 -11.17 -5.57
C PHE A 170 4.77 -9.93 -5.11
N VAL A 171 5.38 -9.21 -6.05
CA VAL A 171 6.15 -8.00 -5.80
C VAL A 171 5.17 -6.80 -5.91
N HIS A 172 5.02 -6.03 -4.81
CA HIS A 172 4.11 -4.87 -4.80
C HIS A 172 4.56 -3.78 -5.75
N ARG A 173 5.85 -3.37 -5.65
CA ARG A 173 6.50 -2.32 -6.45
C ARG A 173 6.21 -0.89 -5.96
N ASP A 174 5.13 -0.67 -5.18
CA ASP A 174 4.81 0.69 -4.70
C ASP A 174 4.29 0.73 -3.23
N LEU A 175 4.95 -0.03 -2.35
CA LEU A 175 4.57 -0.05 -0.94
C LEU A 175 4.93 1.28 -0.32
N ALA A 176 3.90 1.95 0.25
CA ALA A 176 4.01 3.26 0.89
C ALA A 176 2.70 3.43 1.63
N THR A 177 2.65 4.31 2.67
CA THR A 177 1.40 4.52 3.45
C THR A 177 0.22 5.01 2.59
N ARG A 178 0.49 5.75 1.51
CA ARG A 178 -0.56 6.26 0.59
C ARG A 178 -1.28 5.06 -0.10
N ASN A 179 -0.60 3.91 -0.16
CA ASN A 179 -1.10 2.70 -0.80
C ASN A 179 -1.62 1.65 0.22
N CYS A 180 -1.91 2.12 1.44
CA CYS A 180 -2.57 1.33 2.49
C CYS A 180 -3.84 2.11 2.87
N LEU A 181 -4.85 1.41 3.36
CA LEU A 181 -6.15 1.96 3.74
C LEU A 181 -6.51 1.60 5.19
N VAL A 182 -7.28 2.47 5.86
CA VAL A 182 -7.65 2.27 7.27
C VAL A 182 -9.18 2.12 7.38
N GLY A 183 -9.62 1.10 8.11
CA GLY A 183 -11.06 0.82 8.28
C GLY A 183 -11.50 1.03 9.71
N GLN A 184 -12.61 0.39 10.10
CA GLN A 184 -13.18 0.43 11.46
C GLN A 184 -12.27 -0.27 12.48
N GLY A 185 -12.15 0.31 13.67
CA GLY A 185 -11.38 -0.23 14.80
C GLY A 185 -9.90 -0.41 14.54
N LEU A 186 -9.28 0.55 13.81
CA LEU A 186 -7.85 0.57 13.49
C LEU A 186 -7.41 -0.58 12.55
N VAL A 187 -8.34 -1.18 11.75
CA VAL A 187 -7.93 -2.21 10.78
C VAL A 187 -7.15 -1.52 9.63
N VAL A 188 -5.99 -2.09 9.27
CA VAL A 188 -5.14 -1.55 8.22
C VAL A 188 -4.96 -2.67 7.19
N LYS A 189 -5.10 -2.33 5.91
CA LYS A 189 -4.97 -3.30 4.83
C LYS A 189 -4.22 -2.64 3.68
N ILE A 190 -3.46 -3.42 2.93
CA ILE A 190 -2.76 -2.94 1.74
C ILE A 190 -3.80 -2.95 0.63
N GLY A 191 -3.85 -1.83 -0.09
CA GLY A 191 -4.78 -1.66 -1.21
C GLY A 191 -4.81 -0.24 -1.69
N ASP A 192 -4.99 -0.08 -2.99
CA ASP A 192 -5.09 1.23 -3.62
C ASP A 192 -6.00 1.11 -4.85
N PHE A 193 -6.19 2.22 -5.55
CA PHE A 193 -7.07 2.29 -6.72
C PHE A 193 -6.30 2.58 -7.98
N GLY A 194 -4.98 2.57 -7.88
CA GLY A 194 -4.13 2.83 -9.02
C GLY A 194 -4.04 4.29 -9.42
N MET A 195 -4.28 5.22 -8.49
CA MET A 195 -4.21 6.66 -8.79
C MET A 195 -3.30 7.48 -7.89
N SER A 196 -2.42 6.80 -7.14
CA SER A 196 -1.48 7.49 -6.25
C SER A 196 -0.52 8.40 -7.02
N ARG A 197 -0.19 8.05 -8.27
CA ARG A 197 0.68 8.91 -9.10
C ARG A 197 0.02 10.26 -9.42
N ASP A 198 -1.34 10.33 -9.47
CA ASP A 198 -2.04 11.61 -9.67
C ASP A 198 -2.31 12.32 -8.33
N ILE A 199 -2.75 11.57 -7.31
CA ILE A 199 -3.10 12.14 -6.00
C ILE A 199 -1.87 12.55 -5.20
N TYR A 200 -0.79 11.75 -5.29
CA TYR A 200 0.46 12.03 -4.58
C TYR A 200 1.62 12.16 -5.58
N SER A 201 1.47 13.07 -6.58
CA SER A 201 2.49 13.26 -7.62
C SER A 201 3.90 13.60 -7.10
N THR A 202 4.02 14.37 -5.97
CA THR A 202 5.33 14.71 -5.39
CA THR A 202 5.30 14.73 -5.36
C THR A 202 6.06 13.48 -4.80
N ASP A 203 5.36 12.33 -4.65
CA ASP A 203 6.00 11.11 -4.14
C ASP A 203 6.65 10.27 -5.27
N TYR A 204 6.57 10.76 -6.53
CA TYR A 204 7.15 10.09 -7.68
C TYR A 204 8.06 11.04 -8.45
N TYR A 205 9.02 10.47 -9.15
CA TYR A 205 9.99 11.19 -9.98
C TYR A 205 9.96 10.56 -11.37
N ARG A 206 9.77 11.40 -12.40
CA ARG A 206 9.66 11.00 -13.81
C ARG A 206 10.91 10.34 -14.39
N THR A 211 7.00 7.41 -17.22
CA THR A 211 7.44 6.47 -16.18
C THR A 211 7.85 7.19 -14.89
N MET A 212 6.93 7.20 -13.91
CA MET A 212 7.06 7.86 -12.61
C MET A 212 7.40 6.80 -11.55
N LEU A 213 8.53 6.97 -10.87
CA LEU A 213 8.98 6.01 -9.87
C LEU A 213 9.03 6.56 -8.44
N PRO A 214 8.59 5.77 -7.43
CA PRO A 214 8.61 6.24 -6.03
C PRO A 214 10.01 6.15 -5.43
N ILE A 215 10.96 6.89 -5.99
CA ILE A 215 12.38 6.81 -5.60
C ILE A 215 12.64 6.88 -4.10
N ARG A 216 11.88 7.68 -3.34
CA ARG A 216 12.12 7.86 -1.89
C ARG A 216 11.89 6.58 -1.08
N TRP A 217 11.09 5.64 -1.64
CA TRP A 217 10.75 4.36 -1.04
C TRP A 217 11.59 3.20 -1.62
N MET A 218 12.41 3.50 -2.64
CA MET A 218 13.19 2.52 -3.40
C MET A 218 14.64 2.27 -2.94
N PRO A 219 15.07 0.97 -2.91
CA PRO A 219 16.47 0.67 -2.57
C PRO A 219 17.40 1.00 -3.78
N PRO A 220 18.74 0.95 -3.61
CA PRO A 220 19.64 1.26 -4.73
C PRO A 220 19.45 0.40 -5.99
N GLU A 221 19.20 -0.93 -5.87
CA GLU A 221 19.04 -1.76 -7.08
C GLU A 221 17.80 -1.40 -7.93
N SER A 222 16.74 -0.89 -7.24
CA SER A 222 15.53 -0.46 -7.95
C SER A 222 15.78 0.84 -8.74
N ILE A 223 16.53 1.78 -8.15
CA ILE A 223 16.86 3.05 -8.83
C ILE A 223 17.83 2.77 -10.00
N LEU A 224 18.88 1.96 -9.74
CA LEU A 224 19.89 1.65 -10.72
C LEU A 224 19.36 0.87 -11.93
N TYR A 225 18.62 -0.22 -11.69
CA TYR A 225 18.18 -1.14 -12.74
C TYR A 225 16.70 -1.26 -12.98
N ARG A 226 15.86 -0.55 -12.17
CA ARG A 226 14.39 -0.72 -12.19
C ARG A 226 14.08 -2.19 -11.83
N LYS A 227 14.87 -2.73 -10.91
CA LYS A 227 14.78 -4.12 -10.46
C LYS A 227 13.85 -4.11 -9.24
N PHE A 228 12.69 -4.80 -9.33
CA PHE A 228 11.74 -4.87 -8.23
C PHE A 228 11.59 -6.31 -7.80
N THR A 229 11.84 -6.56 -6.52
CA THR A 229 11.81 -7.91 -5.97
C THR A 229 11.15 -7.93 -4.61
N THR A 230 11.10 -9.12 -4.01
CA THR A 230 10.61 -9.30 -2.64
C THR A 230 11.54 -8.52 -1.67
N GLU A 231 12.83 -8.44 -1.97
CA GLU A 231 13.84 -7.71 -1.16
C GLU A 231 13.70 -6.20 -1.31
N SER A 232 13.29 -5.70 -2.53
CA SER A 232 13.06 -4.27 -2.68
C SER A 232 11.79 -3.87 -1.92
N ASP A 233 10.83 -4.79 -1.85
CA ASP A 233 9.58 -4.59 -1.10
C ASP A 233 9.89 -4.48 0.41
N VAL A 234 10.83 -5.27 0.91
CA VAL A 234 11.27 -5.25 2.32
C VAL A 234 11.87 -3.90 2.66
N TRP A 235 12.71 -3.34 1.76
CA TRP A 235 13.30 -2.01 1.92
C TRP A 235 12.19 -1.00 1.99
N SER A 236 11.24 -1.05 1.02
CA SER A 236 10.09 -0.12 1.01
C SER A 236 9.29 -0.23 2.30
N PHE A 237 9.15 -1.46 2.85
CA PHE A 237 8.48 -1.63 4.15
C PHE A 237 9.24 -0.91 5.28
N GLY A 238 10.58 -0.98 5.25
CA GLY A 238 11.39 -0.22 6.20
C GLY A 238 11.03 1.27 6.11
N VAL A 239 10.92 1.79 4.88
CA VAL A 239 10.54 3.21 4.63
C VAL A 239 9.09 3.48 5.16
N VAL A 240 8.15 2.52 4.99
CA VAL A 240 6.76 2.58 5.53
C VAL A 240 6.81 2.71 7.08
N LEU A 241 7.68 1.91 7.74
CA LEU A 241 7.87 1.96 9.20
C LEU A 241 8.26 3.36 9.63
N TRP A 242 9.23 3.98 8.91
CA TRP A 242 9.71 5.34 9.18
C TRP A 242 8.55 6.33 8.97
N GLU A 243 7.74 6.15 7.90
CA GLU A 243 6.54 6.99 7.66
C GLU A 243 5.58 6.89 8.85
N ILE A 244 5.35 5.68 9.32
CA ILE A 244 4.42 5.46 10.45
C ILE A 244 4.92 6.18 11.70
N PHE A 245 6.21 5.99 12.03
CA PHE A 245 6.82 6.58 13.23
C PHE A 245 7.05 8.09 13.18
N THR A 246 6.86 8.74 12.02
CA THR A 246 7.00 10.19 11.87
C THR A 246 5.60 10.75 11.65
N TYR A 247 4.56 9.90 11.77
CA TYR A 247 3.16 10.31 11.54
C TYR A 247 2.88 10.83 10.10
N GLY A 248 3.43 10.14 9.11
CA GLY A 248 3.19 10.44 7.72
C GLY A 248 4.09 11.42 7.00
N LYS A 249 5.22 11.82 7.61
CA LYS A 249 6.23 12.68 6.96
C LYS A 249 6.84 11.98 5.72
N GLN A 250 7.18 12.77 4.71
CA GLN A 250 7.77 12.26 3.50
C GLN A 250 9.25 11.92 3.76
N PRO A 251 9.71 10.72 3.38
CA PRO A 251 11.13 10.36 3.55
C PRO A 251 11.99 11.36 2.77
N TRP A 252 13.15 11.77 3.33
CA TRP A 252 14.06 12.74 2.69
C TRP A 252 13.41 14.09 2.32
N TYR A 253 12.36 14.49 3.04
CA TYR A 253 11.58 15.71 2.79
C TYR A 253 12.38 16.99 2.58
N GLN A 254 13.56 17.10 3.22
CA GLN A 254 14.43 18.28 3.07
C GLN A 254 15.17 18.30 1.73
N LEU A 255 15.18 17.18 0.98
CA LEU A 255 15.95 17.03 -0.25
C LEU A 255 15.11 16.98 -1.53
N SER A 256 15.70 17.40 -2.67
CA SER A 256 15.13 17.28 -4.02
C SER A 256 15.22 15.78 -4.38
N ASN A 257 14.60 15.36 -5.52
CA ASN A 257 14.67 13.97 -5.97
C ASN A 257 16.09 13.51 -6.26
N THR A 258 16.89 14.38 -6.93
CA THR A 258 18.29 14.06 -7.26
C THR A 258 19.18 13.88 -6.04
N GLU A 259 19.02 14.75 -5.03
CA GLU A 259 19.77 14.64 -3.75
C GLU A 259 19.36 13.36 -2.97
N ALA A 260 18.04 13.05 -2.92
CA ALA A 260 17.49 11.81 -2.33
C ALA A 260 18.12 10.56 -2.99
N ILE A 261 18.17 10.51 -4.35
CA ILE A 261 18.76 9.42 -5.14
C ILE A 261 20.24 9.20 -4.70
N ASP A 262 21.01 10.31 -4.54
CA ASP A 262 22.41 10.26 -4.09
C ASP A 262 22.52 9.70 -2.67
N CYS A 263 21.65 10.15 -1.74
CA CYS A 263 21.60 9.66 -0.36
C CYS A 263 21.42 8.15 -0.37
N ILE A 264 20.43 7.67 -1.14
CA ILE A 264 20.08 6.25 -1.23
C ILE A 264 21.26 5.39 -1.74
N THR A 265 21.83 5.75 -2.89
CA THR A 265 22.91 4.96 -3.50
C THR A 265 24.23 5.05 -2.70
N GLN A 266 24.47 6.19 -2.02
CA GLN A 266 25.70 6.42 -1.23
C GLN A 266 25.63 5.87 0.20
N GLY A 267 24.48 5.33 0.59
CA GLY A 267 24.33 4.72 1.92
C GLY A 267 23.93 5.61 3.07
N ARG A 268 23.37 6.80 2.80
CA ARG A 268 22.85 7.64 3.89
C ARG A 268 21.52 6.99 4.39
N GLU A 269 21.31 6.91 5.71
CA GLU A 269 20.08 6.30 6.24
C GLU A 269 19.16 7.36 6.80
N LEU A 270 17.86 7.09 6.78
CA LEU A 270 16.88 7.99 7.38
C LEU A 270 17.12 7.94 8.88
N GLU A 271 16.95 9.08 9.52
CA GLU A 271 17.18 9.27 10.97
C GLU A 271 16.11 8.57 11.81
N ARG A 272 16.43 8.16 13.05
CA ARG A 272 15.45 7.54 13.94
C ARG A 272 14.38 8.60 14.31
N PRO A 273 13.09 8.35 13.99
CA PRO A 273 12.02 9.29 14.40
C PRO A 273 11.92 9.42 15.94
N ARG A 274 11.47 10.56 16.40
CA ARG A 274 11.33 10.84 17.84
C ARG A 274 10.39 9.80 18.51
N ALA A 275 9.32 9.33 17.81
CA ALA A 275 8.35 8.40 18.41
C ALA A 275 8.78 6.93 18.33
N CYS A 276 9.93 6.68 17.71
CA CYS A 276 10.46 5.35 17.43
C CYS A 276 11.39 4.83 18.51
N PRO A 277 11.02 3.79 19.27
CA PRO A 277 12.00 3.22 20.21
C PRO A 277 13.24 2.66 19.49
N PRO A 278 14.44 2.71 20.11
CA PRO A 278 15.65 2.12 19.48
C PRO A 278 15.48 0.69 18.91
N GLU A 279 14.71 -0.21 19.59
CA GLU A 279 14.49 -1.60 19.10
C GLU A 279 13.72 -1.59 17.78
N VAL A 280 12.83 -0.60 17.60
CA VAL A 280 12.08 -0.46 16.35
C VAL A 280 12.97 0.15 15.25
N TYR A 281 13.88 1.06 15.62
CA TYR A 281 14.83 1.63 14.63
C TYR A 281 15.71 0.52 14.07
N ALA A 282 16.08 -0.45 14.93
CA ALA A 282 16.86 -1.63 14.56
C ALA A 282 16.13 -2.46 13.48
N ILE A 283 14.79 -2.55 13.57
CA ILE A 283 13.94 -3.26 12.59
C ILE A 283 14.02 -2.53 11.24
N MET A 284 13.85 -1.20 11.21
CA MET A 284 13.97 -0.39 9.98
C MET A 284 15.36 -0.62 9.36
N ARG A 285 16.42 -0.63 10.20
CA ARG A 285 17.78 -0.83 9.70
C ARG A 285 17.98 -2.20 9.04
N GLY A 286 17.33 -3.24 9.57
CA GLY A 286 17.38 -4.59 8.98
C GLY A 286 16.73 -4.66 7.61
N CYS A 287 15.72 -3.78 7.33
CA CYS A 287 15.03 -3.69 6.06
C CYS A 287 15.92 -2.92 5.07
N TRP A 288 16.77 -2.02 5.59
CA TRP A 288 17.62 -1.07 4.81
C TRP A 288 19.06 -1.44 4.48
N GLN A 289 19.41 -2.68 4.55
CA GLN A 289 20.73 -3.16 4.17
C GLN A 289 20.88 -2.93 2.64
N ARG A 290 21.99 -2.26 2.21
CA ARG A 290 22.20 -1.98 0.78
C ARG A 290 22.34 -3.27 -0.02
N GLU A 291 22.94 -4.33 0.55
CA GLU A 291 23.02 -5.64 -0.13
C GLU A 291 21.65 -6.36 0.05
N PRO A 292 20.88 -6.59 -1.04
CA PRO A 292 19.54 -7.23 -0.88
C PRO A 292 19.47 -8.52 -0.06
N GLN A 293 20.44 -9.44 -0.24
CA GLN A 293 20.51 -10.73 0.43
C GLN A 293 20.64 -10.63 1.96
N GLN A 294 21.14 -9.47 2.47
CA GLN A 294 21.36 -9.18 3.88
C GLN A 294 20.12 -8.60 4.59
N ARG A 295 19.08 -8.22 3.84
CA ARG A 295 17.84 -7.67 4.44
C ARG A 295 17.11 -8.76 5.18
N HIS A 296 16.47 -8.42 6.33
CA HIS A 296 15.70 -9.38 7.13
C HIS A 296 14.47 -9.83 6.32
N SER A 297 14.02 -11.07 6.53
CA SER A 297 12.87 -11.57 5.77
C SER A 297 11.63 -10.87 6.31
N ILE A 298 10.59 -10.68 5.47
CA ILE A 298 9.37 -10.05 5.96
C ILE A 298 8.72 -10.89 7.09
N LYS A 299 8.87 -12.25 7.06
CA LYS A 299 8.31 -13.11 8.11
C LYS A 299 8.90 -12.74 9.48
N ASP A 300 10.22 -12.53 9.55
CA ASP A 300 10.92 -12.18 10.78
C ASP A 300 10.55 -10.76 11.27
N VAL A 301 10.47 -9.82 10.34
CA VAL A 301 10.09 -8.43 10.57
C VAL A 301 8.65 -8.39 11.13
N HIS A 302 7.72 -9.12 10.50
CA HIS A 302 6.36 -9.21 11.00
C HIS A 302 6.31 -9.82 12.42
N ALA A 303 7.05 -10.91 12.68
CA ALA A 303 7.01 -11.56 14.01
C ALA A 303 7.48 -10.61 15.13
N ARG A 304 8.55 -9.80 14.86
CA ARG A 304 9.08 -8.86 15.86
C ARG A 304 8.10 -7.72 16.10
N LEU A 305 7.47 -7.24 15.01
CA LEU A 305 6.48 -6.16 15.12
C LEU A 305 5.22 -6.57 15.85
N GLN A 306 4.77 -7.81 15.62
CA GLN A 306 3.57 -8.34 16.29
C GLN A 306 3.81 -8.47 17.82
N ALA A 307 5.02 -8.89 18.18
CA ALA A 307 5.47 -9.08 19.57
C ALA A 307 5.54 -7.72 20.25
N LEU A 308 6.08 -6.72 19.55
CA LEU A 308 6.15 -5.34 20.06
C LEU A 308 4.80 -4.68 20.16
N ALA A 309 3.88 -4.95 19.21
CA ALA A 309 2.54 -4.36 19.23
C ALA A 309 1.78 -4.84 20.46
N GLN A 310 2.04 -6.08 20.91
CA GLN A 310 1.40 -6.60 22.12
C GLN A 310 2.19 -6.32 23.43
N ALA A 311 3.46 -5.85 23.36
CA ALA A 311 4.32 -5.49 24.52
C ALA A 311 5.19 -4.25 24.12
N PRO A 312 4.54 -3.06 23.96
CA PRO A 312 5.28 -1.90 23.46
C PRO A 312 6.43 -1.46 24.35
N PRO A 313 7.62 -1.13 23.79
CA PRO A 313 8.72 -0.63 24.63
C PRO A 313 8.32 0.61 25.46
N VAL A 314 8.89 0.74 26.65
CA VAL A 314 8.59 1.83 27.58
C VAL A 314 9.89 2.58 27.84
N TYR A 315 9.87 3.90 27.65
CA TYR A 315 11.08 4.66 27.87
C TYR A 315 11.52 4.57 29.35
N LEU A 316 12.80 4.23 29.57
CA LEU A 316 13.39 4.07 30.90
C LEU A 316 12.94 2.81 31.63
N ASP A 317 12.38 1.83 30.90
CA ASP A 317 12.03 0.52 31.48
C ASP A 317 13.34 -0.18 31.96
N VAL A 318 13.22 -1.01 33.02
CA VAL A 318 14.34 -1.79 33.60
C VAL A 318 14.37 -3.09 32.76
N LEU A 319 15.41 -3.27 31.93
CA LEU A 319 15.43 -4.41 31.04
C LEU A 319 16.20 -5.65 31.45
N GLY A 320 17.29 -5.44 32.20
CA GLY A 320 18.15 -6.51 32.68
C GLY A 320 18.99 -7.14 31.59
N3 FQJ B . -2.58 0.52 -10.88
C4 FQJ B . -0.92 0.36 -9.38
C6 FQJ B . -1.61 -2.38 -7.62
C7 FQJ B . -1.94 -3.10 -6.34
C8 FQJ B . -1.01 -3.88 -5.66
C10 FQJ B . -3.25 -3.08 -5.85
C20 FQJ B . -5.02 -0.80 -8.60
C21 FQJ B . -6.31 -1.30 -8.57
C22 FQJ B . -6.23 -1.70 -10.92
C1 FQJ B . -1.96 -0.40 -8.90
N2 FQJ B . -2.96 -0.29 -9.83
N5 FQJ B . -2.06 -1.09 -7.71
C9 FQJ B . -1.34 0.91 -10.59
C11 FQJ B . -1.37 -4.65 -4.57
C12 FQJ B . -4.31 -0.78 -9.80
O13 FQJ B . -1.03 -2.93 -8.54
C14 FQJ B . -2.67 -4.60 -4.13
CL2 FQJ B . 0.65 -3.87 -6.13
C16 FQJ B . -3.62 -3.83 -4.76
CL1 FQJ B . -3.12 -5.55 -2.73
C18 FQJ B . -0.59 1.81 -11.50
C19 FQJ B . -4.91 -1.23 -10.96
C23 FQJ B . -6.90 -1.75 -9.72
H24 FQJ B . 0.04 0.52 -8.90
H26 FQJ B . -3.99 -2.46 -6.36
H33 FQJ B . -4.60 -0.38 -7.69
H34 FQJ B . -6.85 -1.32 -7.63
H35 FQJ B . -6.73 -2.01 -11.83
H25 FQJ B . -2.46 -0.61 -6.91
H27 FQJ B . -0.62 -5.27 -4.07
H28 FQJ B . -4.65 -3.83 -4.41
H31 FQJ B . 0.48 1.65 -11.40
H30 FQJ B . -0.79 2.86 -11.27
H29 FQJ B . -0.84 1.65 -12.56
H32 FQJ B . -4.38 -1.23 -11.91
H36 FQJ B . -7.91 -2.14 -9.69
#